data_8DC7
#
_entry.id   8DC7
#
_cell.length_a   68.660
_cell.length_b   85.920
_cell.length_c   84.040
_cell.angle_alpha   90.000
_cell.angle_beta   90.000
_cell.angle_gamma   90.000
#
_symmetry.space_group_name_H-M   'C 2 2 21'
#
loop_
_entity.id
_entity.type
_entity.pdbx_description
1 polymer 'Cellular tumor antigen p53'
2 non-polymer 'SULFATE ION'
3 non-polymer 'ZINC ION'
4 non-polymer 'MAGNESIUM ION'
5 non-polymer '4-[4-(4-methylpiperazin-1-yl)phenyl]-1-(2-methylprop-2-enoyl)-1H-indole-3-carbaldehyde, bound form'
6 water water
#
_entity_poly.entity_id   1
_entity_poly.type   'polypeptide(L)'
_entity_poly.pdbx_seq_one_letter_code
;GSMSSSVPSQKTYQGSYGFRLGFLHSGTAKSVTSTYSPALNKLFCQLAKTCPVQLWVDSTPPPGTRVRAMAIYKQSQHMT
EVVRRCPHHERSSDSDGLAPPQHLIRVEGNLRVEYLDDRNTFRHSVVVPCEPPEVGSDSTTIHYNYMCYSSCMGGMNRRP
ILTIITLEDSSGNLLGRDSFEVRVSASPGRDRRTEEENLRKKGEPHHELPPGSTKRALPNNT
;
_entity_poly.pdbx_strand_id   A
#
loop_
_chem_comp.id
_chem_comp.type
_chem_comp.name
_chem_comp.formula
MG non-polymer 'MAGNESIUM ION' 'Mg 2'
R4R non-polymer '4-[4-(4-methylpiperazin-1-yl)phenyl]-1-(2-methylprop-2-enoyl)-1H-indole-3-carbaldehyde, bound form' 'C24 H27 N3 O2'
SO4 non-polymer 'SULFATE ION' 'O4 S -2'
ZN non-polymer 'ZINC ION' 'Zn 2'
#
# COMPACT_ATOMS: atom_id res chain seq x y z
N GLY A 1 -18.18 -6.99 -5.59
CA GLY A 1 -18.30 -5.75 -6.34
C GLY A 1 -17.75 -5.89 -7.74
N SER A 2 -16.69 -5.16 -8.04
CA SER A 2 -16.00 -5.33 -9.31
C SER A 2 -15.10 -6.56 -9.25
N MET A 3 -15.24 -7.45 -10.22
CA MET A 3 -14.48 -8.69 -10.26
C MET A 3 -13.43 -8.60 -11.34
N SER A 4 -12.20 -8.93 -11.00
CA SER A 4 -11.10 -8.98 -11.96
C SER A 4 -10.96 -10.40 -12.50
N SER A 5 -10.32 -10.52 -13.67
CA SER A 5 -10.04 -11.83 -14.22
C SER A 5 -8.59 -12.24 -14.05
N SER A 6 -7.87 -11.57 -13.15
CA SER A 6 -6.49 -11.90 -12.84
C SER A 6 -6.19 -11.49 -11.41
N VAL A 7 -5.02 -11.91 -10.92
CA VAL A 7 -4.52 -11.50 -9.61
C VAL A 7 -3.06 -11.10 -9.78
N PRO A 8 -2.68 -9.90 -9.34
CA PRO A 8 -1.28 -9.49 -9.45
C PRO A 8 -0.36 -10.40 -8.65
N SER A 9 0.85 -10.61 -9.18
CA SER A 9 1.83 -11.38 -8.43
C SER A 9 2.15 -10.70 -7.11
N GLN A 10 2.30 -11.53 -6.06
CA GLN A 10 2.75 -11.08 -4.75
C GLN A 10 4.15 -11.57 -4.44
N LYS A 11 4.84 -12.17 -5.40
CA LYS A 11 6.14 -12.79 -5.13
C LYS A 11 7.19 -11.72 -4.85
N THR A 12 7.79 -11.80 -3.67
CA THR A 12 8.87 -10.88 -3.32
C THR A 12 10.01 -11.04 -4.31
N TYR A 13 10.50 -9.91 -4.83
CA TYR A 13 11.52 -9.91 -5.88
C TYR A 13 12.43 -8.72 -5.64
N GLN A 14 13.66 -8.98 -5.17
CA GLN A 14 14.57 -7.88 -4.93
C GLN A 14 15.15 -7.33 -6.22
N GLY A 15 15.34 -8.17 -7.23
CA GLY A 15 15.83 -7.72 -8.50
C GLY A 15 17.30 -7.27 -8.50
N SER A 16 17.70 -6.67 -9.63
CA SER A 16 19.09 -6.28 -9.79
CA SER A 16 19.08 -6.26 -9.82
C SER A 16 19.50 -5.15 -8.85
N TYR A 17 18.55 -4.33 -8.39
CA TYR A 17 18.92 -3.19 -7.57
C TYR A 17 18.72 -3.43 -6.08
N GLY A 18 18.32 -4.64 -5.67
CA GLY A 18 18.18 -4.96 -4.27
C GLY A 18 17.03 -4.23 -3.60
N PHE A 19 15.86 -4.25 -4.25
CA PHE A 19 14.71 -3.49 -3.78
C PHE A 19 14.03 -4.18 -2.61
N ARG A 20 13.80 -3.44 -1.53
CA ARG A 20 12.95 -3.94 -0.45
C ARG A 20 12.40 -2.77 0.36
N LEU A 21 11.34 -3.04 1.11
CA LEU A 21 10.66 -2.04 1.91
C LEU A 21 11.23 -1.96 3.31
N GLY A 22 11.23 -0.74 3.87
CA GLY A 22 11.51 -0.54 5.27
C GLY A 22 10.40 0.24 5.93
N PHE A 23 10.31 0.11 7.24
CA PHE A 23 9.27 0.75 8.02
C PHE A 23 9.88 1.41 9.24
N LEU A 24 9.27 2.49 9.72
CA LEU A 24 9.66 3.04 11.01
C LEU A 24 9.41 2.02 12.12
N HIS A 25 10.21 2.10 13.17
CA HIS A 25 10.01 1.27 14.37
C HIS A 25 9.27 2.10 15.40
N SER A 26 7.94 2.14 15.26
CA SER A 26 7.11 3.11 15.96
C SER A 26 6.60 2.63 17.32
N GLY A 27 6.66 1.35 17.62
CA GLY A 27 6.09 0.84 18.86
C GLY A 27 4.56 0.84 18.82
N THR A 28 3.96 0.48 19.96
CA THR A 28 2.52 0.28 20.03
C THR A 28 1.83 1.19 21.06
N ALA A 29 2.37 2.37 21.32
CA ALA A 29 1.69 3.30 22.23
C ALA A 29 0.38 3.79 21.61
N LYS A 30 -0.54 4.23 22.49
CA LYS A 30 -1.84 4.72 22.02
C LYS A 30 -1.70 5.86 21.02
N SER A 31 -0.63 6.64 21.13
CA SER A 31 -0.49 7.83 20.30
C SER A 31 -0.02 7.53 18.88
N VAL A 32 0.39 6.30 18.55
CA VAL A 32 0.91 6.05 17.21
C VAL A 32 -0.25 6.10 16.21
N THR A 33 0.01 6.68 15.04
CA THR A 33 -0.95 6.66 13.94
C THR A 33 -0.67 5.55 12.93
N SER A 34 0.54 4.98 12.94
CA SER A 34 0.81 3.78 12.17
C SER A 34 1.94 3.03 12.85
N THR A 35 1.90 1.70 12.75
CA THR A 35 2.98 0.90 13.31
C THR A 35 3.06 -0.41 12.54
N TYR A 36 4.29 -0.87 12.34
CA TYR A 36 4.57 -2.04 11.52
C TYR A 36 5.01 -3.19 12.40
N SER A 37 4.41 -4.35 12.21
CA SER A 37 4.78 -5.55 12.95
C SER A 37 5.66 -6.41 12.06
N PRO A 38 6.97 -6.51 12.34
CA PRO A 38 7.80 -7.41 11.52
C PRO A 38 7.39 -8.85 11.64
N ALA A 39 6.89 -9.26 12.80
CA ALA A 39 6.58 -10.67 13.00
C ALA A 39 5.40 -11.10 12.15
N LEU A 40 4.47 -10.19 11.90
CA LEU A 40 3.30 -10.44 11.07
C LEU A 40 3.47 -9.93 9.63
N ASN A 41 4.55 -9.19 9.33
CA ASN A 41 4.70 -8.42 8.08
C ASN A 41 3.42 -7.65 7.77
N LYS A 42 3.03 -6.82 8.73
CA LYS A 42 1.71 -6.23 8.71
C LYS A 42 1.78 -4.80 9.23
N LEU A 43 1.28 -3.87 8.44
CA LEU A 43 1.17 -2.47 8.83
C LEU A 43 -0.20 -2.23 9.44
N PHE A 44 -0.20 -1.58 10.61
CA PHE A 44 -1.43 -1.13 11.27
C PHE A 44 -1.48 0.37 11.19
N CYS A 45 -2.54 0.94 10.62
CA CYS A 45 -2.61 2.39 10.52
C CYS A 45 -4.02 2.91 10.75
N GLN A 46 -4.11 4.22 10.93
CA GLN A 46 -5.36 4.93 11.09
C GLN A 46 -5.89 5.42 9.75
N LEU A 47 -7.19 5.64 9.70
CA LEU A 47 -7.85 6.17 8.52
C LEU A 47 -7.26 7.52 8.11
N ALA A 48 -6.81 7.61 6.85
CA ALA A 48 -6.41 8.88 6.23
C ALA A 48 -5.28 9.58 6.98
N LYS A 49 -4.42 8.83 7.67
CA LYS A 49 -3.22 9.37 8.27
C LYS A 49 -2.01 8.89 7.48
N THR A 50 -0.99 9.74 7.40
CA THR A 50 0.28 9.41 6.76
C THR A 50 0.84 8.08 7.25
N CYS A 51 1.21 7.21 6.32
CA CYS A 51 2.01 6.01 6.61
C CYS A 51 3.31 6.11 5.85
N PRO A 52 4.42 6.43 6.51
CA PRO A 52 5.70 6.50 5.79
C PRO A 52 6.20 5.10 5.49
N VAL A 53 6.51 4.84 4.23
CA VAL A 53 7.11 3.59 3.80
C VAL A 53 8.43 3.92 3.13
N GLN A 54 9.49 3.23 3.53
CA GLN A 54 10.82 3.47 3.00
C GLN A 54 11.12 2.51 1.86
N LEU A 55 11.67 3.05 0.78
CA LEU A 55 12.09 2.26 -0.37
C LEU A 55 13.61 2.15 -0.32
N TRP A 56 14.10 0.93 -0.14
CA TRP A 56 15.53 0.66 -0.01
C TRP A 56 16.04 -0.03 -1.27
N VAL A 57 17.22 0.38 -1.75
CA VAL A 57 17.90 -0.32 -2.83
C VAL A 57 19.39 -0.38 -2.52
N ASP A 58 20.06 -1.40 -3.06
CA ASP A 58 21.52 -1.52 -2.98
C ASP A 58 22.23 -0.75 -4.10
N SER A 59 21.57 -0.50 -5.22
CA SER A 59 22.15 0.31 -6.28
CA SER A 59 22.13 0.26 -6.33
C SER A 59 21.08 1.20 -6.89
N THR A 60 21.52 2.23 -7.58
CA THR A 60 20.60 3.24 -8.11
C THR A 60 19.87 2.70 -9.33
N PRO A 61 18.54 2.74 -9.36
CA PRO A 61 17.80 2.31 -10.55
C PRO A 61 17.97 3.32 -11.67
N PRO A 62 17.65 2.94 -12.90
CA PRO A 62 17.87 3.83 -14.03
C PRO A 62 16.90 5.00 -14.01
N PRO A 63 17.19 6.08 -14.73
CA PRO A 63 16.32 7.26 -14.67
C PRO A 63 14.91 6.96 -15.16
N GLY A 64 13.96 7.69 -14.60
CA GLY A 64 12.57 7.46 -14.94
C GLY A 64 11.94 6.27 -14.24
N THR A 65 12.60 5.70 -13.24
CA THR A 65 12.03 4.59 -12.49
C THR A 65 10.85 5.09 -11.67
N ARG A 66 9.82 4.24 -11.54
CA ARG A 66 8.63 4.60 -10.78
C ARG A 66 8.28 3.52 -9.75
N VAL A 67 7.49 3.89 -8.74
CA VAL A 67 7.06 3.01 -7.67
CA VAL A 67 7.06 2.98 -7.70
C VAL A 67 5.54 2.99 -7.66
N ARG A 68 4.95 1.79 -7.79
CA ARG A 68 3.51 1.59 -7.85
C ARG A 68 3.04 0.86 -6.59
N ALA A 69 1.88 1.27 -6.06
CA ALA A 69 1.22 0.59 -4.95
C ALA A 69 -0.17 0.11 -5.38
N MET A 70 -0.54 -1.08 -4.95
CA MET A 70 -1.81 -1.70 -5.29
C MET A 70 -2.23 -2.60 -4.13
N ALA A 71 -3.53 -2.60 -3.81
CA ALA A 71 -4.05 -3.48 -2.78
C ALA A 71 -4.79 -4.66 -3.39
N ILE A 72 -4.67 -5.84 -2.76
CA ILE A 72 -5.49 -7.00 -3.08
C ILE A 72 -5.97 -7.61 -1.78
N TYR A 73 -7.09 -8.35 -1.85
CA TYR A 73 -7.52 -9.12 -0.69
C TYR A 73 -6.58 -10.29 -0.45
N LYS A 74 -6.30 -10.55 0.83
CA LYS A 74 -5.33 -11.57 1.20
C LYS A 74 -5.91 -12.98 1.00
N GLN A 75 -7.19 -13.18 1.29
CA GLN A 75 -7.75 -14.52 1.30
C GLN A 75 -8.10 -14.98 -0.11
N SER A 76 -7.80 -16.26 -0.38
CA SER A 76 -7.93 -16.80 -1.73
CA SER A 76 -7.94 -16.81 -1.73
C SER A 76 -9.31 -16.56 -2.31
N GLN A 77 -10.35 -16.79 -1.52
N GLN A 77 -10.37 -16.79 -1.53
CA GLN A 77 -11.70 -16.68 -2.05
CA GLN A 77 -11.71 -16.67 -2.07
C GLN A 77 -12.11 -15.24 -2.39
C GLN A 77 -12.05 -15.24 -2.49
N HIS A 78 -11.32 -14.24 -2.00
CA HIS A 78 -11.63 -12.84 -2.30
C HIS A 78 -10.64 -12.19 -3.24
N MET A 79 -9.60 -12.92 -3.65
CA MET A 79 -8.48 -12.28 -4.35
C MET A 79 -8.89 -11.65 -5.67
N THR A 80 -9.90 -12.20 -6.36
CA THR A 80 -10.25 -11.59 -7.66
C THR A 80 -11.19 -10.41 -7.54
N GLU A 81 -11.69 -10.10 -6.34
CA GLU A 81 -12.50 -8.91 -6.14
C GLU A 81 -11.60 -7.69 -6.02
N VAL A 82 -11.90 -6.63 -6.79
CA VAL A 82 -11.08 -5.43 -6.77
C VAL A 82 -11.24 -4.73 -5.42
N VAL A 83 -10.12 -4.38 -4.79
CA VAL A 83 -10.17 -3.61 -3.55
C VAL A 83 -10.50 -2.15 -3.88
N ARG A 84 -11.54 -1.63 -3.24
CA ARG A 84 -11.98 -0.26 -3.52
C ARG A 84 -12.58 0.35 -2.26
N ARG A 85 -12.76 1.67 -2.29
CA ARG A 85 -13.39 2.36 -1.17
C ARG A 85 -14.87 2.00 -1.07
N CYS A 86 -15.40 2.08 0.15
CA CYS A 86 -16.80 1.78 0.38
C CYS A 86 -17.68 2.90 -0.18
N PRO A 87 -18.98 2.65 -0.33
CA PRO A 87 -19.85 3.68 -0.93
C PRO A 87 -19.90 4.98 -0.15
N HIS A 88 -19.95 4.92 1.18
CA HIS A 88 -19.95 6.13 2.00
C HIS A 88 -18.75 7.02 1.69
N HIS A 89 -17.54 6.45 1.78
CA HIS A 89 -16.35 7.27 1.61
C HIS A 89 -16.15 7.71 0.16
N GLU A 90 -16.52 6.87 -0.81
CA GLU A 90 -16.46 7.28 -2.21
C GLU A 90 -17.32 8.53 -2.46
N ARG A 91 -18.57 8.49 -2.03
CA ARG A 91 -19.44 9.66 -2.18
C ARG A 91 -19.13 10.76 -1.17
N SER A 92 -18.15 10.57 -0.28
CA SER A 92 -17.81 11.57 0.72
C SER A 92 -17.02 12.74 0.14
N SER A 93 -16.38 12.57 -1.03
CA SER A 93 -15.70 13.66 -1.74
C SER A 93 -14.64 14.34 -0.88
N ASP A 94 -13.91 13.54 -0.09
CA ASP A 94 -12.75 14.01 0.65
C ASP A 94 -11.47 13.90 -0.15
N SER A 95 -11.55 13.99 -1.47
CA SER A 95 -10.36 13.87 -2.31
C SER A 95 -9.56 15.17 -2.30
N ASP A 96 -8.24 15.02 -2.41
CA ASP A 96 -7.36 16.16 -2.55
C ASP A 96 -7.37 16.73 -3.96
N GLY A 97 -8.35 16.35 -4.79
CA GLY A 97 -8.42 16.76 -6.16
C GLY A 97 -7.68 15.85 -7.12
N LEU A 98 -6.59 15.23 -6.68
CA LEU A 98 -5.81 14.36 -7.57
C LEU A 98 -6.32 12.93 -7.58
N ALA A 99 -6.86 12.42 -6.41
CA ALA A 99 -7.11 11.00 -6.33
C ALA A 99 -8.54 10.68 -6.77
N PRO A 100 -8.73 9.61 -7.52
CA PRO A 100 -10.09 9.15 -7.79
C PRO A 100 -10.77 8.78 -6.49
N PRO A 101 -12.04 9.14 -6.34
CA PRO A 101 -12.73 8.87 -5.06
C PRO A 101 -12.88 7.39 -4.74
N GLN A 102 -12.80 6.50 -5.72
CA GLN A 102 -12.91 5.06 -5.46
C GLN A 102 -11.61 4.43 -4.95
N HIS A 103 -10.47 5.12 -5.04
CA HIS A 103 -9.19 4.51 -4.74
C HIS A 103 -8.94 4.45 -3.25
N LEU A 104 -8.59 3.26 -2.77
CA LEU A 104 -8.25 3.09 -1.36
C LEU A 104 -6.94 3.76 -0.99
N ILE A 105 -5.90 3.60 -1.83
CA ILE A 105 -4.56 4.07 -1.53
C ILE A 105 -4.28 5.39 -2.23
N ARG A 106 -3.86 6.40 -1.46
CA ARG A 106 -3.40 7.67 -2.00
C ARG A 106 -1.95 7.88 -1.62
N VAL A 107 -1.26 8.73 -2.38
CA VAL A 107 0.04 9.25 -1.98
C VAL A 107 -0.12 10.73 -1.65
N GLU A 108 0.41 11.13 -0.51
CA GLU A 108 0.36 12.55 -0.14
C GLU A 108 1.72 13.21 -0.33
N GLY A 109 1.69 14.53 -0.47
CA GLY A 109 2.89 15.33 -0.58
C GLY A 109 3.67 15.10 -1.83
N ASN A 110 3.02 14.72 -2.93
CA ASN A 110 3.73 14.49 -4.18
C ASN A 110 2.84 14.94 -5.33
N LEU A 111 3.21 16.06 -5.95
CA LEU A 111 2.44 16.61 -7.05
C LEU A 111 2.61 15.86 -8.37
N ARG A 112 3.53 14.89 -8.46
CA ARG A 112 3.71 14.09 -9.68
C ARG A 112 2.98 12.75 -9.58
N VAL A 113 2.10 12.61 -8.59
CA VAL A 113 1.40 11.34 -8.37
C VAL A 113 0.47 11.06 -9.54
N GLU A 114 0.38 9.78 -9.93
CA GLU A 114 -0.47 9.37 -11.04
C GLU A 114 -1.32 8.19 -10.58
N TYR A 115 -2.60 8.23 -10.91
CA TYR A 115 -3.54 7.19 -10.50
C TYR A 115 -4.03 6.43 -11.73
N LEU A 116 -4.13 5.10 -11.59
CA LEU A 116 -4.50 4.23 -12.71
C LEU A 116 -5.71 3.38 -12.34
N ASP A 117 -6.75 3.41 -13.18
CA ASP A 117 -7.79 2.38 -13.24
C ASP A 117 -7.43 1.49 -14.42
N ASP A 118 -6.99 0.26 -14.16
CA ASP A 118 -6.54 -0.60 -15.25
C ASP A 118 -7.72 -0.96 -16.16
N ARG A 119 -7.57 -0.73 -17.47
CA ARG A 119 -8.68 -0.96 -18.39
C ARG A 119 -9.01 -2.43 -18.57
N ASN A 120 -8.04 -3.33 -18.37
CA ASN A 120 -8.28 -4.76 -18.55
C ASN A 120 -8.53 -5.48 -17.23
N THR A 121 -7.72 -5.23 -16.21
CA THR A 121 -7.87 -5.93 -14.93
C THR A 121 -8.85 -5.24 -13.97
N PHE A 122 -9.18 -3.97 -14.20
CA PHE A 122 -10.05 -3.13 -13.37
C PHE A 122 -9.44 -2.80 -12.01
N ARG A 123 -8.20 -3.15 -11.76
CA ARG A 123 -7.61 -2.81 -10.48
C ARG A 123 -7.13 -1.36 -10.45
N HIS A 124 -7.09 -0.81 -9.23
CA HIS A 124 -6.64 0.54 -8.96
C HIS A 124 -5.19 0.51 -8.48
N SER A 125 -4.43 1.51 -8.87
CA SER A 125 -3.09 1.64 -8.33
C SER A 125 -2.69 3.10 -8.37
N VAL A 126 -1.64 3.41 -7.62
CA VAL A 126 -1.10 4.76 -7.55
C VAL A 126 0.42 4.67 -7.76
N VAL A 127 0.96 5.56 -8.59
CA VAL A 127 2.37 5.48 -8.98
C VAL A 127 3.00 6.87 -8.88
N VAL A 128 4.24 6.91 -8.41
CA VAL A 128 5.00 8.17 -8.31
C VAL A 128 6.40 7.91 -8.85
N PRO A 129 7.09 8.96 -9.28
CA PRO A 129 8.50 8.79 -9.64
C PRO A 129 9.30 8.34 -8.42
N CYS A 130 10.22 7.41 -8.63
CA CYS A 130 11.11 6.99 -7.54
C CYS A 130 12.31 7.92 -7.53
N GLU A 131 12.46 8.64 -6.47
CA GLU A 131 13.51 9.62 -6.24
C GLU A 131 14.60 9.01 -5.36
N PRO A 132 15.87 9.32 -5.59
CA PRO A 132 16.92 8.91 -4.64
C PRO A 132 16.75 9.65 -3.32
N PRO A 133 17.38 9.17 -2.25
CA PRO A 133 17.25 9.86 -0.96
C PRO A 133 17.70 11.31 -1.05
N GLU A 134 17.08 12.14 -0.23
CA GLU A 134 17.49 13.53 -0.11
C GLU A 134 18.86 13.62 0.55
N VAL A 135 19.53 14.75 0.32
CA VAL A 135 20.84 15.04 0.92
C VAL A 135 20.78 14.80 2.42
N GLY A 136 21.63 13.91 2.91
CA GLY A 136 21.65 13.53 4.31
C GLY A 136 20.91 12.26 4.63
N SER A 137 19.94 11.88 3.82
CA SER A 137 19.11 10.73 4.13
C SER A 137 19.66 9.46 3.50
N ASP A 138 19.23 8.34 4.06
CA ASP A 138 19.67 7.03 3.63
C ASP A 138 18.67 6.31 2.74
N SER A 139 17.40 6.67 2.81
CA SER A 139 16.36 5.99 2.06
C SER A 139 15.37 7.00 1.52
N THR A 140 14.56 6.53 0.59
CA THR A 140 13.46 7.31 0.04
C THR A 140 12.18 6.91 0.75
N THR A 141 11.44 7.89 1.26
CA THR A 141 10.17 7.61 1.92
C THR A 141 9.02 8.05 1.01
N ILE A 142 7.99 7.21 0.94
CA ILE A 142 6.72 7.56 0.31
C ILE A 142 5.67 7.60 1.41
N HIS A 143 4.82 8.63 1.38
CA HIS A 143 3.76 8.79 2.38
C HIS A 143 2.45 8.30 1.78
N TYR A 144 2.04 7.10 2.18
CA TYR A 144 0.75 6.58 1.75
C TYR A 144 -0.35 6.94 2.74
N ASN A 145 -1.57 7.00 2.25
CA ASN A 145 -2.78 7.20 3.04
C ASN A 145 -3.77 6.11 2.65
N TYR A 146 -4.36 5.42 3.64
CA TYR A 146 -5.46 4.49 3.37
C TYR A 146 -6.78 5.17 3.73
N MET A 147 -7.70 5.21 2.76
CA MET A 147 -8.86 6.08 2.83
C MET A 147 -10.14 5.36 3.27
N CYS A 148 -10.02 4.12 3.77
CA CYS A 148 -11.15 3.39 4.34
C CYS A 148 -10.63 2.55 5.50
N TYR A 149 -11.50 2.30 6.47
CA TYR A 149 -11.23 1.31 7.51
C TYR A 149 -11.34 -0.10 6.95
N SER A 150 -10.57 -1.03 7.55
CA SER A 150 -10.75 -2.45 7.22
C SER A 150 -12.20 -2.90 7.44
N SER A 151 -12.88 -2.34 8.44
CA SER A 151 -14.26 -2.70 8.72
C SER A 151 -15.30 -1.97 7.87
N CYS A 152 -14.91 -1.09 6.93
CA CYS A 152 -15.92 -0.40 6.14
C CYS A 152 -16.79 -1.39 5.35
N MET A 153 -18.07 -1.47 5.70
CA MET A 153 -18.99 -2.34 4.99
C MET A 153 -19.19 -1.85 3.57
N GLY A 154 -19.26 -2.79 2.63
CA GLY A 154 -19.34 -2.39 1.23
C GLY A 154 -18.02 -2.04 0.59
N GLY A 155 -16.94 -1.94 1.37
CA GLY A 155 -15.61 -1.89 0.82
C GLY A 155 -14.84 -3.13 1.27
N MET A 156 -13.80 -2.94 2.09
CA MET A 156 -13.01 -4.08 2.53
C MET A 156 -13.81 -5.06 3.37
N ASN A 157 -14.83 -4.58 4.08
N ASN A 157 -14.80 -4.56 4.13
CA ASN A 157 -15.81 -5.46 4.73
CA ASN A 157 -15.81 -5.42 4.72
C ASN A 157 -15.13 -6.47 5.66
C ASN A 157 -15.17 -6.43 5.68
N ARG A 158 -14.21 -5.96 6.48
CA ARG A 158 -13.47 -6.72 7.48
CA ARG A 158 -13.48 -6.73 7.48
C ARG A 158 -12.56 -7.79 6.88
N ARG A 159 -12.27 -7.70 5.59
CA ARG A 159 -11.34 -8.66 4.96
C ARG A 159 -9.93 -8.09 4.96
N PRO A 160 -8.93 -8.87 5.35
CA PRO A 160 -7.55 -8.39 5.32
CA PRO A 160 -7.55 -8.38 5.32
C PRO A 160 -7.06 -8.16 3.90
N ILE A 161 -6.22 -7.14 3.73
CA ILE A 161 -5.65 -6.84 2.42
C ILE A 161 -4.14 -6.89 2.49
N LEU A 162 -3.55 -7.08 1.31
CA LEU A 162 -2.12 -6.95 1.09
CA LEU A 162 -2.12 -6.96 1.08
C LEU A 162 -1.87 -5.75 0.20
N THR A 163 -0.86 -4.96 0.54
CA THR A 163 -0.39 -3.89 -0.33
C THR A 163 0.86 -4.39 -1.04
N ILE A 164 0.86 -4.32 -2.37
CA ILE A 164 1.98 -4.75 -3.20
C ILE A 164 2.64 -3.49 -3.75
N ILE A 165 3.94 -3.33 -3.47
CA ILE A 165 4.74 -2.22 -3.97
C ILE A 165 5.66 -2.75 -5.04
N THR A 166 5.61 -2.17 -6.24
CA THR A 166 6.49 -2.60 -7.30
C THR A 166 7.34 -1.44 -7.79
N LEU A 167 8.61 -1.72 -8.00
CA LEU A 167 9.51 -0.83 -8.72
C LEU A 167 9.43 -1.17 -10.20
N GLU A 168 9.17 -0.17 -11.03
CA GLU A 168 9.12 -0.43 -12.48
C GLU A 168 9.96 0.59 -13.23
N ASP A 169 10.43 0.21 -14.41
CA ASP A 169 11.16 1.17 -15.21
C ASP A 169 10.16 2.10 -15.91
N SER A 170 10.71 3.06 -16.66
CA SER A 170 9.87 4.07 -17.32
C SER A 170 8.88 3.44 -18.29
N SER A 171 9.22 2.29 -18.86
CA SER A 171 8.32 1.60 -19.79
C SER A 171 7.32 0.70 -19.07
N GLY A 172 7.38 0.60 -17.74
CA GLY A 172 6.45 -0.26 -17.03
C GLY A 172 6.98 -1.65 -16.71
N ASN A 173 8.22 -1.98 -17.06
CA ASN A 173 8.76 -3.30 -16.80
C ASN A 173 9.17 -3.47 -15.34
N LEU A 174 8.92 -4.66 -14.81
CA LEU A 174 9.16 -4.93 -13.39
C LEU A 174 10.65 -4.91 -13.04
N LEU A 175 11.01 -4.11 -12.04
CA LEU A 175 12.37 -4.15 -11.50
C LEU A 175 12.44 -4.76 -10.10
N GLY A 176 11.36 -4.77 -9.34
CA GLY A 176 11.40 -5.28 -7.99
C GLY A 176 10.00 -5.28 -7.41
N ARG A 177 9.81 -6.10 -6.37
CA ARG A 177 8.49 -6.20 -5.76
C ARG A 177 8.63 -6.58 -4.29
N ASP A 178 7.75 -5.99 -3.46
CA ASP A 178 7.65 -6.32 -2.04
C ASP A 178 6.20 -6.10 -1.63
N SER A 179 5.83 -6.56 -0.45
CA SER A 179 4.44 -6.46 -0.03
C SER A 179 4.35 -6.57 1.49
N PHE A 180 3.16 -6.23 2.01
CA PHE A 180 2.86 -6.28 3.43
C PHE A 180 1.34 -6.30 3.62
N GLU A 181 0.89 -6.97 4.67
CA GLU A 181 -0.52 -6.92 5.04
C GLU A 181 -0.83 -5.57 5.67
N VAL A 182 -2.10 -5.16 5.60
CA VAL A 182 -2.54 -3.90 6.19
C VAL A 182 -3.84 -4.11 6.95
N ARG A 183 -3.92 -3.48 8.13
CA ARG A 183 -5.17 -3.29 8.84
C ARG A 183 -5.34 -1.80 9.09
N VAL A 184 -6.47 -1.25 8.65
CA VAL A 184 -6.79 0.16 8.90
C VAL A 184 -7.85 0.19 10.00
N SER A 185 -7.53 0.82 11.13
CA SER A 185 -8.47 0.86 12.24
C SER A 185 -8.25 2.14 13.03
N ALA A 186 -9.13 2.38 14.00
CA ALA A 186 -8.99 3.57 14.84
C ALA A 186 -7.92 3.43 15.91
N SER A 187 -7.39 2.23 16.15
CA SER A 187 -6.44 2.00 17.25
C SER A 187 -5.34 1.04 16.78
N PRO A 188 -4.43 1.51 15.92
CA PRO A 188 -3.40 0.60 15.41
C PRO A 188 -2.45 0.08 16.46
N GLY A 189 -2.05 0.91 17.44
CA GLY A 189 -1.11 0.42 18.45
C GLY A 189 -1.68 -0.73 19.25
N ARG A 190 -2.92 -0.56 19.74
CA ARG A 190 -3.59 -1.63 20.48
C ARG A 190 -3.82 -2.86 19.61
N ASP A 191 -4.23 -2.66 18.35
CA ASP A 191 -4.50 -3.79 17.46
C ASP A 191 -3.24 -4.59 17.20
N ARG A 192 -2.11 -3.91 16.96
CA ARG A 192 -0.86 -4.63 16.78
C ARG A 192 -0.49 -5.40 18.04
N ARG A 193 -0.56 -4.74 19.19
CA ARG A 193 -0.18 -5.43 20.42
C ARG A 193 -1.06 -6.65 20.65
N THR A 194 -2.38 -6.50 20.44
CA THR A 194 -3.31 -7.61 20.59
C THR A 194 -3.00 -8.75 19.61
N GLU A 195 -2.78 -8.42 18.33
CA GLU A 195 -2.55 -9.50 17.38
C GLU A 195 -1.22 -10.20 17.66
N GLU A 196 -0.21 -9.47 18.12
CA GLU A 196 1.04 -10.10 18.50
C GLU A 196 0.89 -10.99 19.73
N GLU A 197 -0.06 -10.68 20.63
CA GLU A 197 -0.30 -11.57 21.78
C GLU A 197 -0.81 -12.93 21.36
N ASN A 198 -1.46 -13.02 20.20
CA ASN A 198 -2.12 -14.23 19.75
C ASN A 198 -1.29 -15.04 18.77
N LEU A 199 0.03 -14.84 18.75
CA LEU A 199 0.91 -15.72 17.97
C LEU A 199 1.25 -17.01 18.71
S SO4 B . 15.45 -12.15 -5.74
O1 SO4 B . 14.82 -13.31 -6.37
O2 SO4 B . 16.72 -12.53 -5.11
O3 SO4 B . 15.68 -11.14 -6.77
O4 SO4 B . 14.56 -11.63 -4.68
S SO4 C . -12.03 -0.36 14.20
O1 SO4 C . -11.97 0.28 12.88
O2 SO4 C . -11.64 -1.77 14.10
O3 SO4 C . -11.11 0.35 15.09
O4 SO4 C . -13.40 -0.29 14.71
S SO4 D . -12.52 -7.43 12.88
O1 SO4 D . -11.41 -7.83 12.02
O2 SO4 D . -13.53 -8.49 12.89
O3 SO4 D . -13.11 -6.19 12.39
O4 SO4 D . -12.03 -7.23 14.25
ZN ZN E . -14.98 3.45 3.89
MG MG F . 9.61 -7.27 4.46
MG MG G . -16.80 -17.16 -3.51
C13 R4R H . 20.08 5.13 -2.62
C15 R4R H . 21.50 5.81 -0.60
C17 R4R H . 22.31 4.10 0.97
C20 R4R H . 24.53 3.61 4.13
C22 R4R H . 23.58 2.24 5.68
C24 R4R H . 23.39 2.18 2.13
C26 R4R H . 20.95 3.47 -0.94
C28 R4R H . 20.21 5.88 -4.95
O01 R4R H . 16.27 5.55 -6.19
C02 R4R H . 15.84 5.13 -5.11
C03 R4R H . 14.28 4.82 -5.05
C04 R4R H . 13.76 5.12 -6.44
C05 R4R H . 14.02 3.30 -4.69
N06 R4R H . 16.76 4.95 -3.99
C07 R4R H . 16.42 4.50 -2.72
C08 R4R H . 17.60 4.46 -1.95
C09 R4R H . 17.73 4.04 -0.55
O10 R4R H . 16.82 3.71 0.02
C11 R4R H . 18.04 5.20 -4.06
C12 R4R H . 18.65 4.90 -2.79
C14 R4R H . 20.87 4.84 -1.32
C16 R4R H . 22.24 5.45 0.59
N18 R4R H . 23.04 3.60 2.16
C19 R4R H . 24.16 4.28 2.78
N21 R4R H . 23.55 2.66 4.44
C23 R4R H . 23.59 1.62 3.56
C25 R4R H . 21.65 3.13 0.21
C27 R4R H . 20.83 5.58 -3.65
C29 R4R H . 18.83 5.67 -5.10
#